data_6QR5
#
_entry.id   6QR5
#
_cell.length_a   74.183
_cell.length_b   77.985
_cell.length_c   86.363
_cell.angle_alpha   90.000
_cell.angle_beta   90.000
_cell.angle_gamma   90.000
#
_symmetry.space_group_name_H-M   'P 21 21 21'
#
loop_
_entity.id
_entity.type
_entity.pdbx_description
1 polymer 'tRNA (guanine-N(1)-)-methyltransferase'
2 non-polymer 3-[1-[[4-(pyrrolidin-1-ylmethyl)phenyl]methyl]indol-6-yl]-1~{H}-pyrazol-5-amine
3 water water
#
_entity_poly.entity_id   1
_entity_poly.type   'polypeptide(L)'
_entity_poly.pdbx_seq_one_letter_code
;GSMKIDVVTIFPEYLQPVRQSLPGKAIDAGLVDVAVHDLRRWTHDVHKSVDDSPYGGGPGMVMKPTVWGDALDEICTSET
LLVVPTPAGYPFTQETAWQWSTEDHLVIACGRYEGIDQRVADDAATRMRVREVSIGDYVLNGGEAAALVIIEAVLRLVPG
VLGNALSAQEDSHSEGMASLLEGPSYTRPPSWRGMDVPPVLLSGDHAKIAAWRAEQSRQRTIERRPDLLGFDSPTGEHGG
DGLS
;
_entity_poly.pdbx_strand_id   A,B
#
# COMPACT_ATOMS: atom_id res chain seq x y z
N SER A 2 11.58 2.54 -20.78
CA SER A 2 11.02 3.87 -20.98
C SER A 2 9.53 3.88 -20.63
N MET A 3 9.20 4.31 -19.43
CA MET A 3 7.81 4.30 -18.96
C MET A 3 7.32 5.66 -18.53
N LYS A 4 6.14 6.03 -19.01
CA LYS A 4 5.48 7.25 -18.54
C LYS A 4 4.40 6.86 -17.53
N ILE A 5 4.35 7.57 -16.40
CA ILE A 5 3.27 7.39 -15.44
C ILE A 5 2.60 8.73 -15.21
N ASP A 6 1.29 8.78 -15.47
CA ASP A 6 0.51 9.96 -15.16
C ASP A 6 -0.40 9.61 -13.98
N VAL A 7 -0.39 10.42 -12.94
CA VAL A 7 -1.30 10.23 -11.81
C VAL A 7 -2.27 11.40 -11.75
N VAL A 8 -3.55 11.10 -11.62
CA VAL A 8 -4.59 12.13 -11.53
C VAL A 8 -5.27 12.07 -10.18
N THR A 9 -5.36 13.21 -9.52
CA THR A 9 -5.76 13.23 -8.12
C THR A 9 -6.22 14.60 -7.71
N ILE A 10 -7.09 14.70 -6.71
CA ILE A 10 -7.41 16.03 -6.20
C ILE A 10 -6.42 16.45 -5.12
N PHE A 11 -5.45 15.59 -4.83
CA PHE A 11 -4.39 15.90 -3.87
C PHE A 11 -3.02 15.65 -4.47
N PRO A 12 -2.63 16.48 -5.44
CA PRO A 12 -1.35 16.23 -6.13
C PRO A 12 -0.16 16.22 -5.19
N GLU A 13 -0.22 16.97 -4.10
CA GLU A 13 0.93 17.01 -3.19
C GLU A 13 1.21 15.66 -2.52
N TYR A 14 0.20 14.81 -2.41
CA TYR A 14 0.37 13.49 -1.80
C TYR A 14 1.39 12.67 -2.56
N LEU A 15 1.55 12.95 -3.85
CA LEU A 15 2.41 12.14 -4.71
C LEU A 15 3.83 12.70 -4.77
N GLN A 16 4.10 13.75 -4.01
CA GLN A 16 5.43 14.34 -3.93
C GLN A 16 6.55 13.33 -3.62
N PRO A 17 6.33 12.41 -2.64
CA PRO A 17 7.38 11.42 -2.37
C PRO A 17 7.86 10.62 -3.57
N VAL A 18 6.95 10.23 -4.48
CA VAL A 18 7.35 9.44 -5.64
C VAL A 18 8.32 10.18 -6.54
N ARG A 19 7.98 11.42 -6.91
CA ARG A 19 8.78 12.21 -7.83
C ARG A 19 10.18 12.48 -7.24
N GLN A 20 10.22 12.70 -5.93
CA GLN A 20 11.50 12.86 -5.24
C GLN A 20 12.25 11.53 -5.21
N SER A 21 11.52 10.45 -5.01
CA SER A 21 12.11 9.11 -4.92
C SER A 21 12.84 8.64 -6.20
N LEU A 22 12.71 9.37 -7.30
CA LEU A 22 13.34 8.99 -8.57
C LEU A 22 14.74 9.58 -8.74
N PRO A 23 15.76 8.71 -8.84
CA PRO A 23 17.12 9.21 -9.10
C PRO A 23 17.22 9.88 -10.48
N GLY A 24 18.00 10.95 -10.55
CA GLY A 24 18.10 11.77 -11.76
C GLY A 24 18.59 11.00 -12.96
N LYS A 25 19.45 10.01 -12.70
CA LYS A 25 20.04 9.21 -13.76
C LYS A 25 18.98 8.52 -14.61
N ALA A 26 17.94 8.00 -13.96
CA ALA A 26 16.87 7.27 -14.67
C ALA A 26 16.00 8.21 -15.50
N ILE A 27 15.74 9.41 -14.98
CA ILE A 27 14.93 10.39 -15.69
C ILE A 27 15.69 10.92 -16.91
N ASP A 28 16.95 11.31 -16.69
CA ASP A 28 17.79 11.86 -17.76
C ASP A 28 18.14 10.80 -18.81
N ALA A 29 18.10 9.53 -18.41
CA ALA A 29 18.26 8.45 -19.36
C ALA A 29 16.95 8.14 -20.07
N GLY A 30 15.90 8.86 -19.68
CA GLY A 30 14.58 8.70 -20.29
C GLY A 30 13.93 7.36 -19.99
N LEU A 31 14.26 6.80 -18.83
CA LEU A 31 13.76 5.49 -18.43
C LEU A 31 12.37 5.59 -17.81
N VAL A 32 12.11 6.72 -17.15
CA VAL A 32 10.84 6.90 -16.47
C VAL A 32 10.50 8.39 -16.33
N ASP A 33 9.22 8.70 -16.43
CA ASP A 33 8.72 10.04 -16.21
C ASP A 33 7.39 9.96 -15.49
N VAL A 34 7.35 10.44 -14.26
CA VAL A 34 6.14 10.45 -13.45
C VAL A 34 5.59 11.86 -13.40
N ALA A 35 4.36 12.02 -13.89
CA ALA A 35 3.71 13.33 -13.89
C ALA A 35 2.46 13.26 -13.02
N VAL A 36 2.23 14.30 -12.23
CA VAL A 36 1.05 14.34 -11.37
C VAL A 36 0.12 15.47 -11.80
N HIS A 37 -1.16 15.14 -11.93
CA HIS A 37 -2.14 16.11 -12.39
C HIS A 37 -3.25 16.36 -11.38
N ASP A 38 -3.55 17.62 -11.16
CA ASP A 38 -4.68 18.02 -10.32
C ASP A 38 -5.99 17.82 -11.08
N LEU A 39 -6.87 16.95 -10.59
CA LEU A 39 -8.14 16.68 -11.24
C LEU A 39 -8.98 17.94 -11.47
N ARG A 40 -8.84 18.93 -10.60
CA ARG A 40 -9.70 20.11 -10.68
C ARG A 40 -9.41 20.98 -11.91
N ARG A 41 -8.29 20.70 -12.57
CA ARG A 41 -8.00 21.31 -13.87
C ARG A 41 -9.13 21.06 -14.89
N TRP A 42 -9.85 19.96 -14.71
CA TRP A 42 -10.88 19.57 -15.67
C TRP A 42 -12.30 19.79 -15.15
N THR A 43 -12.45 20.56 -14.08
CA THR A 43 -13.80 20.85 -13.59
C THR A 43 -14.47 21.88 -14.50
N HIS A 44 -15.79 21.92 -14.46
CA HIS A 44 -16.56 22.76 -15.39
C HIS A 44 -17.10 24.03 -14.77
N ASP A 45 -17.11 24.08 -13.45
CA ASP A 45 -17.84 25.12 -12.76
C ASP A 45 -16.93 25.96 -11.91
N VAL A 46 -17.44 27.11 -11.49
CA VAL A 46 -16.63 28.04 -10.74
C VAL A 46 -16.28 27.45 -9.36
N HIS A 47 -17.10 26.53 -8.86
CA HIS A 47 -16.84 25.91 -7.57
C HIS A 47 -15.87 24.71 -7.66
N LYS A 48 -15.35 24.44 -8.86
CA LYS A 48 -14.45 23.32 -9.12
C LYS A 48 -14.94 22.02 -8.47
N SER A 49 -16.20 21.69 -8.76
CA SER A 49 -16.85 20.51 -8.20
C SER A 49 -16.33 19.21 -8.81
N VAL A 50 -15.91 18.27 -7.95
CA VAL A 50 -15.49 16.95 -8.41
C VAL A 50 -16.38 15.82 -7.88
N ASP A 51 -17.32 16.15 -7.01
CA ASP A 51 -18.17 15.13 -6.42
C ASP A 51 -19.63 15.53 -6.41
N ASP A 52 -20.51 14.56 -6.17
CA ASP A 52 -21.95 14.78 -6.23
C ASP A 52 -22.64 13.61 -5.53
N SER A 53 -23.91 13.73 -5.20
CA SER A 53 -24.57 12.71 -4.38
C SER A 53 -24.85 11.41 -5.13
N PRO A 54 -24.79 10.27 -4.42
CA PRO A 54 -24.98 8.99 -5.07
C PRO A 54 -26.41 8.72 -5.51
N TYR A 55 -26.61 8.27 -6.74
CA TYR A 55 -27.91 7.78 -7.16
C TYR A 55 -28.30 6.57 -6.32
N GLY A 56 -29.56 6.52 -5.92
CA GLY A 56 -30.03 5.40 -5.11
C GLY A 56 -29.85 5.71 -3.65
N GLY A 57 -29.24 6.85 -3.37
CA GLY A 57 -29.06 7.32 -2.01
C GLY A 57 -27.93 6.63 -1.27
N GLY A 58 -27.75 7.00 -0.02
CA GLY A 58 -26.72 6.41 0.79
C GLY A 58 -25.76 7.47 1.27
N PRO A 59 -24.78 7.07 2.08
CA PRO A 59 -23.81 8.04 2.60
C PRO A 59 -22.68 8.26 1.61
N GLY A 60 -21.86 9.25 1.91
CA GLY A 60 -20.71 9.53 1.08
C GLY A 60 -21.12 10.24 -0.19
N MET A 61 -20.14 10.46 -1.06
CA MET A 61 -20.35 11.16 -2.30
C MET A 61 -19.65 10.37 -3.39
N VAL A 62 -19.98 10.65 -4.64
CA VAL A 62 -19.39 9.95 -5.78
C VAL A 62 -18.70 10.95 -6.70
N MET A 63 -17.53 10.60 -7.23
CA MET A 63 -16.87 11.57 -8.10
C MET A 63 -17.56 11.63 -9.46
N LYS A 64 -17.69 12.84 -9.98
CA LYS A 64 -18.41 13.13 -11.21
C LYS A 64 -17.76 12.52 -12.44
N PRO A 65 -18.56 11.84 -13.28
CA PRO A 65 -18.04 11.22 -14.49
C PRO A 65 -17.59 12.25 -15.54
N THR A 66 -18.27 13.38 -15.60
CA THR A 66 -17.94 14.36 -16.64
C THR A 66 -16.53 14.92 -16.45
N VAL A 67 -16.13 15.17 -15.20
CA VAL A 67 -14.79 15.68 -14.92
C VAL A 67 -13.73 14.65 -15.25
N TRP A 68 -13.91 13.44 -14.74
CA TRP A 68 -12.97 12.36 -15.01
C TRP A 68 -12.87 12.07 -16.51
N GLY A 69 -14.01 12.09 -17.19
CA GLY A 69 -14.01 11.80 -18.63
C GLY A 69 -13.12 12.76 -19.39
N ASP A 70 -13.20 14.04 -19.07
CA ASP A 70 -12.39 15.04 -19.75
C ASP A 70 -10.92 14.83 -19.43
N ALA A 71 -10.62 14.52 -18.16
CA ALA A 71 -9.23 14.36 -17.76
C ALA A 71 -8.58 13.19 -18.49
N LEU A 72 -9.26 12.05 -18.49
CA LEU A 72 -8.71 10.85 -19.11
C LEU A 72 -8.64 11.02 -20.63
N ASP A 73 -9.61 11.72 -21.20
CA ASP A 73 -9.57 12.03 -22.63
C ASP A 73 -8.28 12.73 -23.00
N GLU A 74 -7.87 13.66 -22.16
CA GLU A 74 -6.67 14.44 -22.46
C GLU A 74 -5.40 13.65 -22.22
N ILE A 75 -5.39 12.82 -21.18
CA ILE A 75 -4.16 12.18 -20.73
C ILE A 75 -3.94 10.81 -21.35
N CYS A 76 -5.01 10.06 -21.58
CA CYS A 76 -4.86 8.70 -22.07
C CYS A 76 -4.73 8.60 -23.58
N THR A 77 -4.05 7.54 -24.02
CA THR A 77 -4.08 7.15 -25.43
C THR A 77 -4.52 5.69 -25.53
N SER A 78 -4.59 5.17 -26.76
CA SER A 78 -4.97 3.78 -27.00
C SER A 78 -4.02 2.78 -26.33
N GLU A 79 -2.79 3.21 -26.09
CA GLU A 79 -1.79 2.32 -25.52
C GLU A 79 -1.77 2.36 -23.98
N THR A 80 -2.54 3.27 -23.39
CA THR A 80 -2.56 3.44 -21.94
C THR A 80 -3.09 2.22 -21.21
N LEU A 81 -2.42 1.87 -20.11
CA LEU A 81 -2.99 0.97 -19.12
C LEU A 81 -3.56 1.84 -18.00
N LEU A 82 -4.89 1.89 -17.91
CA LEU A 82 -5.54 2.75 -16.92
C LEU A 82 -5.74 1.97 -15.62
N VAL A 83 -5.09 2.45 -14.56
CA VAL A 83 -5.10 1.78 -13.27
C VAL A 83 -6.00 2.57 -12.34
N VAL A 84 -7.01 1.92 -11.79
CA VAL A 84 -7.96 2.59 -10.92
C VAL A 84 -7.99 1.89 -9.57
N PRO A 85 -7.29 2.45 -8.57
CA PRO A 85 -7.37 1.84 -7.24
C PRO A 85 -8.78 1.88 -6.67
N THR A 86 -9.15 0.81 -5.98
CA THR A 86 -10.49 0.71 -5.37
C THR A 86 -10.48 -0.47 -4.41
N PRO A 87 -11.17 -0.35 -3.27
CA PRO A 87 -11.27 -1.46 -2.32
C PRO A 87 -11.95 -2.66 -2.95
N ALA A 88 -12.70 -2.43 -4.02
CA ALA A 88 -13.42 -3.49 -4.71
C ALA A 88 -12.68 -4.04 -5.93
N GLY A 89 -11.39 -3.78 -6.04
CA GLY A 89 -10.67 -4.12 -7.26
C GLY A 89 -10.15 -5.55 -7.21
N TYR A 90 -9.68 -6.02 -8.36
CA TYR A 90 -8.89 -7.24 -8.41
C TYR A 90 -7.63 -7.04 -7.57
N PRO A 91 -7.11 -8.11 -6.97
CA PRO A 91 -5.91 -7.92 -6.14
C PRO A 91 -4.66 -7.54 -6.94
N PHE A 92 -3.99 -6.49 -6.50
CA PHE A 92 -2.69 -6.12 -7.05
C PHE A 92 -1.63 -6.95 -6.34
N THR A 93 -0.88 -7.74 -7.10
CA THR A 93 0.15 -8.59 -6.53
C THR A 93 1.49 -8.39 -7.22
N GLN A 94 2.51 -9.08 -6.74
CA GLN A 94 3.82 -9.01 -7.37
C GLN A 94 3.73 -9.44 -8.84
N GLU A 95 2.87 -10.40 -9.15
CA GLU A 95 2.69 -10.80 -10.54
C GLU A 95 2.19 -9.62 -11.36
N THR A 96 1.26 -8.87 -10.78
CA THR A 96 0.76 -7.67 -11.44
C THR A 96 1.89 -6.66 -11.65
N ALA A 97 2.67 -6.44 -10.60
CA ALA A 97 3.75 -5.47 -10.67
C ALA A 97 4.70 -5.85 -11.81
N TRP A 98 5.01 -7.13 -11.92
CA TRP A 98 5.87 -7.63 -13.01
C TRP A 98 5.26 -7.33 -14.36
N GLN A 99 4.00 -7.69 -14.53
CA GLN A 99 3.28 -7.42 -15.78
C GLN A 99 3.34 -5.94 -16.16
N TRP A 100 3.04 -5.07 -15.20
CA TRP A 100 2.96 -3.65 -15.50
C TRP A 100 4.31 -2.97 -15.69
N SER A 101 5.39 -3.63 -15.27
CA SER A 101 6.72 -3.02 -15.30
C SER A 101 7.25 -2.82 -16.73
N THR A 102 6.63 -3.47 -17.71
CA THR A 102 7.07 -3.30 -19.10
C THR A 102 6.10 -2.44 -19.91
N GLU A 103 5.13 -1.83 -19.24
CA GLU A 103 4.18 -0.96 -19.92
C GLU A 103 4.81 0.37 -20.33
N ASP A 104 4.38 0.90 -21.47
CA ASP A 104 4.88 2.21 -21.90
C ASP A 104 4.19 3.36 -21.17
N HIS A 105 2.92 3.17 -20.81
CA HIS A 105 2.15 4.28 -20.25
C HIS A 105 1.14 3.80 -19.23
N LEU A 106 1.38 4.13 -17.96
CA LEU A 106 0.40 3.88 -16.92
C LEU A 106 -0.26 5.19 -16.56
N VAL A 107 -1.59 5.18 -16.46
CA VAL A 107 -2.31 6.30 -15.92
C VAL A 107 -3.06 5.81 -14.69
N ILE A 108 -2.81 6.45 -13.56
CA ILE A 108 -3.43 6.03 -12.31
C ILE A 108 -4.48 7.05 -11.89
N ALA A 109 -5.73 6.61 -11.88
CA ALA A 109 -6.85 7.50 -11.54
C ALA A 109 -7.18 7.35 -10.08
N CYS A 110 -6.84 8.36 -9.27
CA CYS A 110 -7.04 8.27 -7.82
C CYS A 110 -8.37 8.86 -7.40
N GLY A 111 -9.24 8.01 -6.88
CA GLY A 111 -10.51 8.45 -6.35
C GLY A 111 -10.40 8.99 -4.93
N ARG A 112 -11.41 9.78 -4.57
CA ARG A 112 -11.61 10.16 -3.17
C ARG A 112 -13.09 10.00 -2.87
N TYR A 113 -13.54 10.55 -1.74
CA TYR A 113 -14.93 10.39 -1.31
C TYR A 113 -15.21 8.90 -1.26
N GLU A 114 -16.29 8.42 -1.86
CA GLU A 114 -16.53 6.98 -1.85
C GLU A 114 -16.32 6.31 -3.21
N GLY A 115 -15.61 6.98 -4.10
CA GLY A 115 -15.23 6.35 -5.35
C GLY A 115 -15.64 7.16 -6.56
N ILE A 116 -15.45 6.57 -7.74
CA ILE A 116 -15.70 7.24 -9.01
C ILE A 116 -16.89 6.60 -9.69
N ASP A 117 -17.75 7.42 -10.28
CA ASP A 117 -18.88 6.94 -11.07
C ASP A 117 -18.41 5.81 -11.98
N GLN A 118 -19.10 4.67 -11.97
CA GLN A 118 -18.59 3.47 -12.63
C GLN A 118 -18.48 3.66 -14.14
N ARG A 119 -19.23 4.61 -14.70
CA ARG A 119 -19.22 4.80 -16.16
C ARG A 119 -17.87 5.28 -16.66
N VAL A 120 -17.09 5.89 -15.78
CA VAL A 120 -15.77 6.38 -16.20
C VAL A 120 -14.90 5.22 -16.65
N ALA A 121 -14.76 4.23 -15.79
CA ALA A 121 -13.98 3.04 -16.14
C ALA A 121 -14.61 2.27 -17.28
N ASP A 122 -15.93 2.11 -17.24
CA ASP A 122 -16.62 1.33 -18.28
C ASP A 122 -16.45 1.99 -19.65
N ASP A 123 -16.59 3.31 -19.70
CA ASP A 123 -16.35 4.04 -20.96
C ASP A 123 -14.90 3.91 -21.40
N ALA A 124 -13.97 4.11 -20.47
CA ALA A 124 -12.55 4.03 -20.82
C ALA A 124 -12.21 2.65 -21.37
N ALA A 125 -12.84 1.63 -20.80
CA ALA A 125 -12.56 0.25 -21.17
C ALA A 125 -12.97 -0.08 -22.60
N THR A 126 -13.78 0.77 -23.22
CA THR A 126 -14.14 0.56 -24.64
C THR A 126 -13.03 1.01 -25.59
N ARG A 127 -12.01 1.70 -25.10
CA ARG A 127 -10.92 2.06 -26.03
C ARG A 127 -9.50 1.91 -25.45
N MET A 128 -9.39 1.40 -24.23
CA MET A 128 -8.07 1.13 -23.66
C MET A 128 -8.19 0.03 -22.62
N ARG A 129 -7.05 -0.48 -22.16
CA ARG A 129 -7.05 -1.50 -21.12
C ARG A 129 -7.23 -0.84 -19.76
N VAL A 130 -8.18 -1.34 -18.98
CA VAL A 130 -8.49 -0.76 -17.67
C VAL A 130 -8.34 -1.83 -16.58
N ARG A 131 -7.70 -1.46 -15.48
CA ARG A 131 -7.49 -2.39 -14.37
C ARG A 131 -7.93 -1.76 -13.05
N GLU A 132 -9.07 -2.20 -12.52
CA GLU A 132 -9.49 -1.79 -11.18
C GLU A 132 -8.80 -2.70 -10.17
N VAL A 133 -8.01 -2.14 -9.26
CA VAL A 133 -7.21 -2.99 -8.38
C VAL A 133 -7.25 -2.55 -6.93
N SER A 134 -7.13 -3.53 -6.04
CA SER A 134 -7.04 -3.29 -4.60
C SER A 134 -5.63 -3.66 -4.17
N ILE A 135 -5.04 -2.89 -3.27
CA ILE A 135 -3.71 -3.25 -2.77
C ILE A 135 -3.72 -4.03 -1.45
N GLY A 136 -4.92 -4.31 -0.93
CA GLY A 136 -5.04 -5.12 0.28
C GLY A 136 -6.42 -4.99 0.87
N ASP A 137 -6.72 -5.85 1.83
CA ASP A 137 -8.07 -5.92 2.37
C ASP A 137 -8.27 -4.99 3.55
N TYR A 138 -8.04 -3.71 3.29
CA TYR A 138 -8.29 -2.63 4.23
C TYR A 138 -8.78 -1.46 3.41
N VAL A 139 -9.40 -0.51 4.07
CA VAL A 139 -9.96 0.65 3.38
C VAL A 139 -9.14 1.89 3.64
N LEU A 140 -8.73 2.56 2.57
CA LEU A 140 -7.98 3.80 2.66
C LEU A 140 -8.95 4.97 2.55
N ASN A 141 -8.44 6.20 2.57
CA ASN A 141 -9.30 7.38 2.37
C ASN A 141 -9.48 7.75 0.90
N GLY A 142 -8.66 7.13 0.06
CA GLY A 142 -8.65 7.46 -1.36
C GLY A 142 -7.56 6.68 -2.09
N GLY A 143 -7.43 6.90 -3.38
CA GLY A 143 -6.51 6.11 -4.19
C GLY A 143 -5.04 6.48 -4.09
N GLU A 144 -4.72 7.64 -3.51
CA GLU A 144 -3.35 8.15 -3.54
C GLU A 144 -2.33 7.24 -2.86
N ALA A 145 -2.62 6.78 -1.64
CA ALA A 145 -1.70 5.86 -0.97
C ALA A 145 -1.51 4.58 -1.79
N ALA A 146 -2.58 4.13 -2.45
CA ALA A 146 -2.49 2.94 -3.30
C ALA A 146 -1.62 3.21 -4.51
N ALA A 147 -1.73 4.42 -5.05
CA ALA A 147 -0.91 4.82 -6.18
C ALA A 147 0.57 4.79 -5.80
N LEU A 148 0.89 5.28 -4.61
CA LEU A 148 2.28 5.26 -4.12
C LEU A 148 2.83 3.85 -4.09
N VAL A 149 2.04 2.95 -3.54
CA VAL A 149 2.42 1.54 -3.43
C VAL A 149 2.61 0.92 -4.79
N ILE A 150 1.64 1.14 -5.67
CA ILE A 150 1.73 0.57 -7.01
C ILE A 150 2.95 1.12 -7.76
N ILE A 151 3.16 2.42 -7.66
CA ILE A 151 4.30 3.02 -8.37
C ILE A 151 5.60 2.43 -7.84
N GLU A 152 5.73 2.37 -6.52
CA GLU A 152 6.96 1.83 -5.96
C GLU A 152 7.19 0.35 -6.33
N ALA A 153 6.15 -0.47 -6.27
CA ALA A 153 6.32 -1.92 -6.53
C ALA A 153 6.63 -2.18 -8.00
N VAL A 154 6.05 -1.39 -8.89
CA VAL A 154 6.28 -1.54 -10.32
C VAL A 154 7.66 -1.03 -10.70
N LEU A 155 7.98 0.19 -10.26
CA LEU A 155 9.19 0.84 -10.74
C LEU A 155 10.46 0.16 -10.22
N ARG A 156 10.38 -0.53 -9.08
CA ARG A 156 11.59 -1.16 -8.59
C ARG A 156 11.89 -2.40 -9.43
N LEU A 157 10.94 -2.81 -10.27
CA LEU A 157 11.15 -3.90 -11.22
C LEU A 157 11.63 -3.41 -12.60
N VAL A 158 11.62 -2.10 -12.82
CA VAL A 158 12.15 -1.53 -14.06
C VAL A 158 13.63 -1.27 -13.87
N PRO A 159 14.47 -1.93 -14.69
CA PRO A 159 15.92 -1.89 -14.57
C PRO A 159 16.51 -0.49 -14.32
N GLY A 160 17.15 -0.33 -13.16
CA GLY A 160 17.87 0.89 -12.83
C GLY A 160 17.05 2.14 -12.55
N VAL A 161 15.77 1.97 -12.21
CA VAL A 161 14.92 3.13 -12.00
C VAL A 161 14.95 3.63 -10.56
N LEU A 162 14.88 2.71 -9.58
CA LEU A 162 14.83 3.14 -8.19
C LEU A 162 16.17 2.92 -7.48
N SER A 179 5.18 -19.92 -3.28
CA SER A 179 6.41 -19.36 -2.72
C SER A 179 6.28 -19.18 -1.21
N LEU A 180 7.41 -19.08 -0.53
CA LEU A 180 7.44 -18.99 0.92
C LEU A 180 7.90 -17.61 1.39
N LEU A 181 7.69 -17.31 2.65
CA LEU A 181 8.15 -16.06 3.24
C LEU A 181 9.65 -16.11 3.55
N GLU A 182 10.35 -14.99 3.37
CA GLU A 182 11.77 -14.94 3.72
C GLU A 182 11.92 -15.05 5.24
N GLY A 183 12.97 -15.73 5.67
CA GLY A 183 13.25 -15.86 7.09
C GLY A 183 14.00 -14.65 7.63
N PRO A 184 14.45 -14.74 8.90
CA PRO A 184 15.11 -13.61 9.57
C PRO A 184 16.49 -13.30 8.97
N SER A 185 16.89 -12.03 9.09
CA SER A 185 18.21 -11.58 8.63
C SER A 185 19.01 -11.06 9.80
N TYR A 186 20.34 -11.14 9.70
CA TYR A 186 21.23 -10.74 10.79
C TYR A 186 22.46 -10.07 10.25
N THR A 187 22.96 -9.08 10.98
CA THR A 187 24.25 -8.50 10.63
C THR A 187 24.98 -8.16 11.93
N ARG A 188 26.11 -7.47 11.81
CA ARG A 188 26.94 -7.15 12.96
C ARG A 188 26.17 -6.29 13.96
N PRO A 189 26.47 -6.43 15.27
CA PRO A 189 27.42 -7.33 15.93
C PRO A 189 26.92 -8.77 16.12
N PRO A 190 27.85 -9.72 16.35
CA PRO A 190 27.49 -11.14 16.52
C PRO A 190 26.66 -11.40 17.77
N SER A 191 26.81 -10.52 18.75
CA SER A 191 26.03 -10.59 19.97
CA SER A 191 26.03 -10.60 19.98
C SER A 191 25.51 -9.20 20.34
N TRP A 192 24.21 -9.11 20.60
CA TRP A 192 23.58 -7.83 20.89
C TRP A 192 22.41 -8.01 21.85
N ARG A 193 22.44 -7.26 22.96
CA ARG A 193 21.45 -7.35 24.03
C ARG A 193 21.08 -8.78 24.40
N GLY A 194 22.11 -9.64 24.52
CA GLY A 194 21.92 -10.99 24.97
C GLY A 194 21.52 -11.96 23.88
N MET A 195 21.41 -11.47 22.64
CA MET A 195 20.96 -12.31 21.54
C MET A 195 22.08 -12.51 20.52
N ASP A 196 22.43 -13.77 20.32
CA ASP A 196 23.49 -14.16 19.40
C ASP A 196 22.93 -14.44 18.01
N VAL A 197 23.66 -14.04 16.97
CA VAL A 197 23.35 -14.47 15.62
C VAL A 197 23.42 -15.98 15.58
N PRO A 198 22.43 -16.64 14.93
CA PRO A 198 22.49 -18.10 14.86
C PRO A 198 23.85 -18.61 14.38
N PRO A 199 24.51 -19.46 15.18
CA PRO A 199 25.86 -19.95 14.87
C PRO A 199 25.99 -20.57 13.48
N VAL A 200 24.94 -21.20 12.97
CA VAL A 200 25.01 -21.81 11.64
C VAL A 200 25.45 -20.78 10.58
N LEU A 201 25.05 -19.53 10.76
CA LEU A 201 25.34 -18.48 9.76
C LEU A 201 26.82 -18.12 9.73
N LEU A 202 27.52 -18.43 10.80
CA LEU A 202 28.95 -18.14 10.85
C LEU A 202 29.78 -19.40 10.63
N SER A 203 29.13 -20.48 10.22
CA SER A 203 29.78 -21.79 10.16
C SER A 203 30.63 -22.05 8.91
N GLY A 204 30.42 -21.27 7.86
CA GLY A 204 31.09 -21.56 6.60
C GLY A 204 30.63 -22.83 5.91
N ASP A 205 29.51 -23.41 6.37
CA ASP A 205 28.90 -24.56 5.70
C ASP A 205 27.72 -24.04 4.91
N HIS A 206 27.93 -23.69 3.64
CA HIS A 206 26.91 -22.95 2.93
C HIS A 206 25.74 -23.83 2.47
N ALA A 207 25.97 -25.15 2.34
CA ALA A 207 24.83 -26.04 2.10
C ALA A 207 23.92 -26.07 3.31
N LYS A 208 24.52 -26.12 4.49
CA LYS A 208 23.75 -26.19 5.71
C LYS A 208 23.04 -24.88 6.00
N ILE A 209 23.70 -23.77 5.72
CA ILE A 209 23.10 -22.46 5.87
C ILE A 209 21.84 -22.33 5.00
N ALA A 210 21.94 -22.79 3.76
CA ALA A 210 20.81 -22.72 2.85
C ALA A 210 19.63 -23.55 3.36
N ALA A 211 19.91 -24.72 3.93
CA ALA A 211 18.87 -25.57 4.47
C ALA A 211 18.25 -24.95 5.73
N TRP A 212 19.09 -24.33 6.55
CA TRP A 212 18.61 -23.65 7.75
C TRP A 212 17.67 -22.50 7.36
N ARG A 213 18.08 -21.73 6.35
CA ARG A 213 17.24 -20.65 5.87
C ARG A 213 15.91 -21.17 5.32
N ALA A 214 15.98 -22.23 4.53
CA ALA A 214 14.76 -22.88 4.00
C ALA A 214 13.80 -23.30 5.10
N GLU A 215 14.32 -23.90 6.17
CA GLU A 215 13.48 -24.32 7.29
C GLU A 215 12.89 -23.11 8.04
N GLN A 216 13.69 -22.06 8.23
CA GLN A 216 13.15 -20.83 8.81
C GLN A 216 12.00 -20.29 7.98
N SER A 217 12.19 -20.31 6.67
CA SER A 217 11.17 -19.86 5.72
CA SER A 217 11.16 -19.85 5.74
C SER A 217 9.88 -20.68 5.83
N ARG A 218 10.04 -22.01 5.85
CA ARG A 218 8.88 -22.89 5.99
C ARG A 218 8.15 -22.60 7.29
N GLN A 219 8.90 -22.51 8.38
CA GLN A 219 8.34 -22.27 9.70
C GLN A 219 7.57 -20.94 9.77
N ARG A 220 8.21 -19.89 9.25
CA ARG A 220 7.59 -18.58 9.31
C ARG A 220 6.31 -18.55 8.46
N THR A 221 6.33 -19.25 7.33
CA THR A 221 5.18 -19.28 6.45
C THR A 221 4.02 -20.03 7.15
N ILE A 222 4.33 -21.12 7.84
CA ILE A 222 3.31 -21.86 8.60
C ILE A 222 2.66 -20.98 9.65
N GLU A 223 3.47 -20.25 10.40
CA GLU A 223 2.98 -19.40 11.48
C GLU A 223 2.24 -18.14 11.01
N ARG A 224 2.72 -17.51 9.94
CA ARG A 224 2.19 -16.20 9.57
C ARG A 224 1.27 -16.21 8.36
N ARG A 225 1.50 -17.14 7.44
CA ARG A 225 0.75 -17.18 6.20
C ARG A 225 0.40 -18.61 5.81
N PRO A 226 -0.38 -19.30 6.65
CA PRO A 226 -0.73 -20.69 6.29
C PRO A 226 -1.51 -20.77 4.98
N ASP A 227 -2.05 -19.63 4.52
CA ASP A 227 -2.78 -19.59 3.27
C ASP A 227 -1.88 -19.92 2.08
N LEU A 228 -0.59 -19.68 2.23
CA LEU A 228 0.35 -19.91 1.13
C LEU A 228 0.72 -21.38 1.02
N LEU A 229 0.23 -22.18 1.96
CA LEU A 229 0.51 -23.61 1.97
C LEU A 229 -0.76 -24.42 1.76
N SER B 2 -7.72 9.34 21.30
CA SER B 2 -6.45 10.06 21.36
C SER B 2 -5.30 9.12 21.05
N MET B 3 -4.60 9.37 19.94
CA MET B 3 -3.52 8.51 19.51
C MET B 3 -2.24 9.26 19.18
N LYS B 4 -1.11 8.69 19.56
CA LYS B 4 0.20 9.17 19.12
C LYS B 4 0.82 8.16 18.16
N ILE B 5 1.31 8.64 17.02
CA ILE B 5 2.02 7.80 16.08
C ILE B 5 3.43 8.34 15.83
N ASP B 6 4.43 7.52 16.12
CA ASP B 6 5.82 7.84 15.79
C ASP B 6 6.31 6.97 14.65
N VAL B 7 6.87 7.57 13.62
CA VAL B 7 7.44 6.83 12.50
C VAL B 7 8.96 7.01 12.46
N VAL B 8 9.70 5.90 12.40
CA VAL B 8 11.16 5.98 12.35
C VAL B 8 11.64 5.48 11.00
N THR B 9 12.50 6.26 10.35
CA THR B 9 12.86 6.01 8.97
C THR B 9 14.18 6.72 8.65
N ILE B 10 14.91 6.22 7.66
CA ILE B 10 16.07 6.96 7.18
C ILE B 10 15.67 7.89 6.03
N PHE B 11 14.39 7.89 5.68
CA PHE B 11 13.85 8.81 4.66
C PHE B 11 12.66 9.58 5.18
N PRO B 12 12.87 10.47 6.15
CA PRO B 12 11.74 11.20 6.76
C PRO B 12 10.92 12.01 5.75
N GLU B 13 11.55 12.51 4.69
CA GLU B 13 10.88 13.30 3.67
C GLU B 13 9.73 12.55 3.00
N TYR B 14 9.90 11.23 2.85
CA TYR B 14 8.88 10.38 2.24
C TYR B 14 7.55 10.42 3.00
N LEU B 15 7.59 10.78 4.27
CA LEU B 15 6.39 10.71 5.12
C LEU B 15 5.58 12.01 5.13
N GLN B 16 6.03 13.02 4.39
CA GLN B 16 5.33 14.29 4.29
C GLN B 16 3.83 14.18 3.89
N PRO B 17 3.43 13.17 3.09
CA PRO B 17 2.00 13.02 2.82
C PRO B 17 1.07 12.90 4.04
N VAL B 18 1.63 12.62 5.23
CA VAL B 18 0.84 12.52 6.45
C VAL B 18 -0.02 13.75 6.74
N ARG B 19 0.36 14.91 6.20
CA ARG B 19 -0.44 16.12 6.35
C ARG B 19 -1.03 16.56 5.02
N GLY B 30 -6.21 17.14 16.39
CA GLY B 30 -5.94 17.31 17.80
C GLY B 30 -6.18 16.05 18.62
N LEU B 31 -6.96 15.13 18.05
CA LEU B 31 -7.23 13.85 18.70
C LEU B 31 -6.14 12.85 18.34
N VAL B 32 -5.27 13.22 17.41
CA VAL B 32 -4.14 12.38 17.01
C VAL B 32 -2.90 13.24 16.74
N ASP B 33 -1.73 12.76 17.15
CA ASP B 33 -0.46 13.41 16.80
C ASP B 33 0.48 12.42 16.10
N VAL B 34 1.04 12.86 14.98
CA VAL B 34 1.97 12.03 14.22
C VAL B 34 3.35 12.70 14.10
N ALA B 35 4.39 11.97 14.49
CA ALA B 35 5.75 12.48 14.44
C ALA B 35 6.64 11.57 13.61
N VAL B 36 7.54 12.17 12.82
CA VAL B 36 8.47 11.40 12.00
C VAL B 36 9.90 11.63 12.48
N HIS B 37 10.64 10.56 12.69
CA HIS B 37 11.99 10.65 13.21
C HIS B 37 13.02 10.07 12.25
N ASP B 38 14.10 10.80 12.05
CA ASP B 38 15.22 10.36 11.23
C ASP B 38 16.05 9.36 12.04
N LEU B 39 16.11 8.11 11.60
CA LEU B 39 16.84 7.08 12.34
C LEU B 39 18.30 7.48 12.57
N ARG B 40 18.90 8.16 11.59
CA ARG B 40 20.31 8.54 11.64
C ARG B 40 20.65 9.44 12.83
N ARG B 41 19.63 10.04 13.44
CA ARG B 41 19.80 10.84 14.63
C ARG B 41 20.42 10.06 15.79
N TRP B 42 20.36 8.74 15.73
CA TRP B 42 20.86 7.90 16.81
C TRP B 42 22.19 7.25 16.47
N THR B 43 22.80 7.65 15.36
CA THR B 43 24.12 7.15 15.00
C THR B 43 25.23 7.93 15.73
N HIS B 44 26.47 7.50 15.55
CA HIS B 44 27.59 8.12 16.25
C HIS B 44 28.80 8.38 15.34
N ASP B 45 28.79 7.80 14.14
CA ASP B 45 29.88 8.01 13.18
C ASP B 45 29.44 8.96 12.08
N SER B 49 26.76 4.86 9.35
CA SER B 49 26.33 3.73 8.52
C SER B 49 25.32 2.86 9.25
N VAL B 50 24.10 2.79 8.73
CA VAL B 50 23.04 2.07 9.42
C VAL B 50 22.92 0.61 8.97
N ASP B 51 23.65 0.25 7.92
CA ASP B 51 23.51 -1.08 7.32
C ASP B 51 24.85 -1.81 7.17
N ASP B 52 24.79 -3.12 7.05
CA ASP B 52 25.99 -3.92 6.75
C ASP B 52 25.59 -5.22 6.06
N SER B 53 26.58 -5.96 5.57
CA SER B 53 26.33 -7.22 4.87
C SER B 53 25.74 -8.26 5.80
N PRO B 54 24.88 -9.14 5.26
CA PRO B 54 24.22 -10.15 6.09
C PRO B 54 25.15 -11.26 6.54
N TYR B 55 25.00 -11.70 7.78
CA TYR B 55 25.66 -12.92 8.21
C TYR B 55 25.09 -14.07 7.41
N GLY B 56 25.94 -15.01 7.03
CA GLY B 56 25.50 -16.17 6.27
C GLY B 56 25.49 -15.93 4.77
N GLY B 57 25.75 -14.68 4.37
CA GLY B 57 25.81 -14.33 2.97
C GLY B 57 24.48 -13.95 2.36
N GLY B 58 24.50 -13.60 1.09
CA GLY B 58 23.28 -13.21 0.39
C GLY B 58 23.43 -11.83 -0.17
N PRO B 59 22.48 -11.41 -1.02
CA PRO B 59 22.55 -10.11 -1.68
C PRO B 59 22.09 -8.99 -0.77
N GLY B 60 22.59 -7.78 -1.01
CA GLY B 60 22.09 -6.63 -0.30
C GLY B 60 22.59 -6.48 1.12
N MET B 61 21.92 -5.62 1.87
CA MET B 61 22.40 -5.18 3.16
C MET B 61 21.30 -5.31 4.19
N VAL B 62 21.68 -5.36 5.45
CA VAL B 62 20.74 -5.50 6.55
C VAL B 62 20.92 -4.33 7.50
N MET B 63 19.83 -3.78 8.00
CA MET B 63 19.98 -2.67 8.92
C MET B 63 20.46 -3.17 10.29
N LYS B 64 21.50 -2.51 10.81
CA LYS B 64 22.13 -2.91 12.06
C LYS B 64 21.18 -2.75 13.25
N PRO B 65 21.22 -3.69 14.20
CA PRO B 65 20.30 -3.60 15.33
C PRO B 65 20.64 -2.44 16.28
N THR B 66 21.91 -2.06 16.33
CA THR B 66 22.39 -1.14 17.36
C THR B 66 21.67 0.22 17.29
N VAL B 67 21.68 0.81 16.11
CA VAL B 67 21.02 2.09 15.89
C VAL B 67 19.52 2.05 16.19
N TRP B 68 18.87 0.97 15.76
CA TRP B 68 17.45 0.79 16.01
C TRP B 68 17.15 0.67 17.51
N GLY B 69 17.97 -0.11 18.20
CA GLY B 69 17.80 -0.31 19.63
C GLY B 69 17.79 1.03 20.37
N ASP B 70 18.71 1.91 20.01
CA ASP B 70 18.81 3.20 20.69
C ASP B 70 17.62 4.09 20.33
N ALA B 71 17.24 4.08 19.06
CA ALA B 71 16.08 4.86 18.62
C ALA B 71 14.82 4.44 19.39
N LEU B 72 14.57 3.13 19.41
CA LEU B 72 13.36 2.59 20.01
C LEU B 72 13.36 2.74 21.53
N ASP B 73 14.54 2.63 22.13
CA ASP B 73 14.71 2.84 23.57
C ASP B 73 14.13 4.18 23.99
N GLU B 74 14.41 5.19 23.19
CA GLU B 74 14.00 6.56 23.49
C GLU B 74 12.53 6.82 23.19
N ILE B 75 12.02 6.22 22.12
CA ILE B 75 10.67 6.51 21.65
C ILE B 75 9.59 5.61 22.26
N CYS B 76 9.92 4.34 22.51
CA CYS B 76 8.92 3.39 22.98
C CYS B 76 8.80 3.27 24.49
N THR B 77 7.60 2.89 24.95
CA THR B 77 7.37 2.48 26.32
C THR B 77 6.78 1.07 26.30
N SER B 78 6.50 0.51 27.47
CA SER B 78 5.91 -0.81 27.55
C SER B 78 4.48 -0.85 27.01
N GLU B 79 3.88 0.32 26.86
CA GLU B 79 2.51 0.40 26.37
C GLU B 79 2.47 0.51 24.85
N THR B 80 3.62 0.77 24.26
CA THR B 80 3.76 0.96 22.80
C THR B 80 3.40 -0.30 22.01
N LEU B 81 2.66 -0.13 20.92
CA LEU B 81 2.53 -1.18 19.94
C LEU B 81 3.53 -0.90 18.82
N LEU B 82 4.53 -1.76 18.70
CA LEU B 82 5.59 -1.56 17.72
C LEU B 82 5.21 -2.28 16.42
N VAL B 83 5.09 -1.48 15.37
CA VAL B 83 4.67 -1.99 14.07
C VAL B 83 5.85 -2.01 13.13
N VAL B 84 6.14 -3.18 12.56
CA VAL B 84 7.28 -3.30 11.66
C VAL B 84 6.82 -3.85 10.32
N PRO B 85 6.65 -2.97 9.32
CA PRO B 85 6.33 -3.47 7.98
C PRO B 85 7.41 -4.40 7.44
N THR B 86 6.99 -5.47 6.79
CA THR B 86 7.90 -6.43 6.17
C THR B 86 7.13 -7.35 5.23
N PRO B 87 7.72 -7.73 4.09
CA PRO B 87 7.03 -8.63 3.16
C PRO B 87 6.73 -9.98 3.79
N ALA B 88 7.47 -10.29 4.85
CA ALA B 88 7.31 -11.55 5.55
C ALA B 88 6.41 -11.43 6.78
N GLY B 89 5.62 -10.35 6.86
CA GLY B 89 4.81 -10.12 8.04
C GLY B 89 3.48 -10.85 8.05
N TYR B 90 2.80 -10.85 9.21
CA TYR B 90 1.39 -11.26 9.28
C TYR B 90 0.60 -10.26 8.42
N PRO B 91 -0.51 -10.70 7.80
CA PRO B 91 -1.28 -9.74 6.98
C PRO B 91 -1.93 -8.62 7.79
N PHE B 92 -1.76 -7.38 7.33
CA PHE B 92 -2.48 -6.23 7.85
C PHE B 92 -3.78 -6.17 7.09
N THR B 93 -4.90 -6.29 7.82
CA THR B 93 -6.23 -6.23 7.24
C THR B 93 -7.10 -5.20 7.95
N GLN B 94 -8.35 -5.10 7.50
CA GLN B 94 -9.27 -4.14 8.08
C GLN B 94 -9.51 -4.46 9.55
N GLU B 95 -9.52 -5.75 9.88
CA GLU B 95 -9.63 -6.17 11.27
C GLU B 95 -8.44 -5.62 12.07
N THR B 96 -7.23 -5.73 11.53
CA THR B 96 -6.06 -5.16 12.18
C THR B 96 -6.23 -3.67 12.38
N ALA B 97 -6.78 -2.99 11.37
CA ALA B 97 -6.94 -1.55 11.46
C ALA B 97 -7.89 -1.18 12.61
N TRP B 98 -8.99 -1.89 12.71
CA TRP B 98 -9.93 -1.70 13.83
C TRP B 98 -9.23 -1.95 15.15
N GLN B 99 -8.45 -3.01 15.21
CA GLN B 99 -7.76 -3.36 16.46
C GLN B 99 -6.81 -2.24 16.87
N TRP B 100 -6.09 -1.67 15.91
CA TRP B 100 -5.06 -0.69 16.27
C TRP B 100 -5.65 0.71 16.49
N SER B 101 -6.89 0.91 16.03
CA SER B 101 -7.54 2.22 16.09
C SER B 101 -7.82 2.69 17.52
N THR B 102 -7.76 1.78 18.47
CA THR B 102 -7.95 2.17 19.87
C THR B 102 -6.67 2.17 20.67
N GLU B 103 -5.52 2.10 19.99
CA GLU B 103 -4.23 2.13 20.68
C GLU B 103 -3.84 3.55 21.06
N ASP B 104 -3.11 3.68 22.17
CA ASP B 104 -2.62 4.98 22.60
C ASP B 104 -1.35 5.40 21.84
N HIS B 105 -0.52 4.42 21.48
CA HIS B 105 0.79 4.70 20.92
C HIS B 105 1.23 3.65 19.90
N LEU B 106 1.27 4.05 18.64
CA LEU B 106 1.85 3.22 17.60
C LEU B 106 3.23 3.75 17.25
N VAL B 107 4.22 2.87 17.20
CA VAL B 107 5.50 3.25 16.65
C VAL B 107 5.76 2.38 15.43
N ILE B 108 6.02 3.02 14.30
CA ILE B 108 6.22 2.27 13.06
C ILE B 108 7.67 2.35 12.65
N ALA B 109 8.32 1.20 12.68
CA ALA B 109 9.73 1.09 12.32
C ALA B 109 9.89 0.75 10.85
N CYS B 110 10.32 1.71 10.04
CA CYS B 110 10.44 1.53 8.60
C CYS B 110 11.83 1.08 8.23
N GLY B 111 11.92 -0.11 7.64
CA GLY B 111 13.20 -0.61 7.18
C GLY B 111 13.49 -0.17 5.75
N ARG B 112 14.75 -0.38 5.35
CA ARG B 112 15.19 -0.18 3.99
C ARG B 112 16.18 -1.29 3.69
N TYR B 113 16.82 -1.25 2.52
CA TYR B 113 17.72 -2.33 2.08
C TYR B 113 16.96 -3.67 2.10
N GLU B 114 17.56 -4.71 2.67
CA GLU B 114 16.92 -6.02 2.72
C GLU B 114 16.14 -6.21 4.01
N GLY B 115 16.03 -5.17 4.81
CA GLY B 115 15.29 -5.28 6.06
C GLY B 115 16.12 -4.98 7.29
N ILE B 116 15.54 -5.28 8.45
CA ILE B 116 16.14 -5.00 9.74
C ILE B 116 16.58 -6.29 10.41
N ASP B 117 17.76 -6.27 11.02
CA ASP B 117 18.23 -7.37 11.88
C ASP B 117 17.08 -7.89 12.75
N GLN B 118 16.84 -9.20 12.74
CA GLN B 118 15.68 -9.78 13.44
C GLN B 118 15.70 -9.49 14.93
N ARG B 119 16.88 -9.25 15.48
CA ARG B 119 16.98 -9.07 16.93
C ARG B 119 16.33 -7.79 17.44
N VAL B 120 16.15 -6.81 16.54
CA VAL B 120 15.50 -5.58 16.93
C VAL B 120 14.09 -5.88 17.39
N ALA B 121 13.33 -6.59 16.55
CA ALA B 121 11.98 -6.97 16.92
C ALA B 121 11.98 -7.91 18.12
N ASP B 122 12.91 -8.87 18.15
CA ASP B 122 12.94 -9.84 19.25
C ASP B 122 13.25 -9.15 20.58
N ASP B 123 14.21 -8.23 20.59
CA ASP B 123 14.52 -7.46 21.79
C ASP B 123 13.32 -6.63 22.25
N ALA B 124 12.68 -5.95 21.30
CA ALA B 124 11.55 -5.09 21.64
C ALA B 124 10.41 -5.91 22.24
N ALA B 125 10.27 -7.13 21.77
CA ALA B 125 9.17 -8.01 22.19
C ALA B 125 9.29 -8.41 23.66
N THR B 126 10.47 -8.22 24.25
CA THR B 126 10.67 -8.51 25.67
C THR B 126 10.13 -7.40 26.55
N ARG B 127 9.83 -6.25 25.95
CA ARG B 127 9.41 -5.07 26.70
C ARG B 127 8.07 -4.51 26.24
N MET B 128 7.64 -4.88 25.03
CA MET B 128 6.42 -4.31 24.46
C MET B 128 5.79 -5.27 23.45
N ARG B 129 4.58 -4.98 23.01
CA ARG B 129 3.95 -5.78 21.96
C ARG B 129 4.51 -5.38 20.60
N VAL B 130 4.85 -6.39 19.78
CA VAL B 130 5.43 -6.13 18.48
C VAL B 130 4.61 -6.83 17.39
N ARG B 131 4.40 -6.13 16.29
CA ARG B 131 3.63 -6.68 15.18
C ARG B 131 4.39 -6.52 13.86
N GLU B 132 4.91 -7.61 13.34
CA GLU B 132 5.48 -7.59 12.00
C GLU B 132 4.35 -7.82 11.02
N VAL B 133 4.17 -6.89 10.09
CA VAL B 133 3.01 -6.97 9.20
C VAL B 133 3.35 -6.67 7.76
N SER B 134 2.63 -7.36 6.88
CA SER B 134 2.66 -7.10 5.44
C SER B 134 1.37 -6.42 5.04
N ILE B 135 1.45 -5.42 4.14
CA ILE B 135 0.22 -4.79 3.65
C ILE B 135 -0.27 -5.41 2.35
N GLY B 136 0.44 -6.43 1.86
CA GLY B 136 -0.01 -7.04 0.62
C GLY B 136 1.10 -7.85 -0.02
N ASP B 137 0.72 -8.71 -0.96
CA ASP B 137 1.67 -9.62 -1.57
C ASP B 137 2.38 -9.01 -2.77
N TYR B 138 3.18 -7.99 -2.48
CA TYR B 138 4.01 -7.31 -3.46
C TYR B 138 5.18 -6.76 -2.68
N VAL B 139 6.30 -6.48 -3.36
CA VAL B 139 7.48 -6.03 -2.65
C VAL B 139 7.71 -4.53 -2.85
N LEU B 140 7.82 -3.81 -1.75
CA LEU B 140 8.18 -2.40 -1.78
C LEU B 140 9.69 -2.24 -1.68
N ASN B 141 10.17 -1.01 -1.70
CA ASN B 141 11.60 -0.76 -1.52
C ASN B 141 11.94 -0.46 -0.07
N GLY B 142 10.91 -0.38 0.77
CA GLY B 142 11.12 -0.04 2.16
C GLY B 142 9.81 0.11 2.89
N GLY B 143 9.89 0.36 4.19
CA GLY B 143 8.71 0.37 5.04
C GLY B 143 7.84 1.62 4.95
N GLU B 144 8.37 2.68 4.33
CA GLU B 144 7.71 3.98 4.37
C GLU B 144 6.31 4.01 3.72
N ALA B 145 6.18 3.42 2.53
CA ALA B 145 4.88 3.43 1.85
C ALA B 145 3.88 2.57 2.63
N ALA B 146 4.36 1.49 3.24
CA ALA B 146 3.52 0.67 4.10
C ALA B 146 3.06 1.45 5.33
N ALA B 147 3.97 2.22 5.90
CA ALA B 147 3.63 3.10 7.00
C ALA B 147 2.49 4.05 6.61
N LEU B 148 2.59 4.63 5.42
CA LEU B 148 1.57 5.58 5.00
C LEU B 148 0.20 4.89 4.87
N VAL B 149 0.22 3.70 4.29
CA VAL B 149 -0.99 2.89 4.15
C VAL B 149 -1.60 2.56 5.51
N ILE B 150 -0.76 2.11 6.43
CA ILE B 150 -1.22 1.73 7.76
C ILE B 150 -1.79 2.94 8.51
N ILE B 151 -1.09 4.06 8.44
CA ILE B 151 -1.55 5.27 9.12
C ILE B 151 -2.91 5.70 8.59
N GLU B 152 -3.07 5.69 7.28
CA GLU B 152 -4.35 6.10 6.71
C GLU B 152 -5.50 5.16 7.09
N ALA B 153 -5.28 3.85 7.00
CA ALA B 153 -6.33 2.88 7.28
C ALA B 153 -6.74 2.91 8.75
N VAL B 154 -5.79 3.17 9.63
CA VAL B 154 -6.07 3.21 11.06
C VAL B 154 -6.75 4.51 11.48
N LEU B 155 -6.21 5.64 11.04
CA LEU B 155 -6.68 6.94 11.53
C LEU B 155 -8.11 7.24 11.10
N ARG B 156 -8.52 6.71 9.96
CA ARG B 156 -9.88 6.98 9.51
C ARG B 156 -10.91 6.23 10.37
N LEU B 157 -10.41 5.36 11.26
CA LEU B 157 -11.27 4.62 12.17
C LEU B 157 -11.24 5.17 13.59
N VAL B 158 -10.34 6.09 13.87
CA VAL B 158 -10.18 6.55 15.25
C VAL B 158 -11.41 7.32 15.69
N PRO B 159 -11.99 6.92 16.84
CA PRO B 159 -13.24 7.55 17.32
C PRO B 159 -13.17 9.07 17.26
N GLY B 160 -14.05 9.67 16.47
CA GLY B 160 -14.02 11.10 16.24
C GLY B 160 -13.43 11.47 14.89
N SER B 179 -15.04 -10.11 3.97
CA SER B 179 -16.40 -9.60 3.87
C SER B 179 -16.89 -9.65 2.43
N LEU B 180 -17.27 -8.50 1.88
CA LEU B 180 -17.75 -8.42 0.50
C LEU B 180 -17.19 -7.18 -0.19
N LEU B 181 -17.18 -7.22 -1.52
CA LEU B 181 -16.73 -6.07 -2.31
C LEU B 181 -17.90 -5.14 -2.58
N GLU B 182 -17.70 -3.84 -2.44
CA GLU B 182 -18.77 -2.88 -2.75
C GLU B 182 -19.06 -2.87 -4.24
N GLY B 183 -20.33 -2.68 -4.60
CA GLY B 183 -20.74 -2.59 -5.99
C GLY B 183 -20.47 -1.22 -6.56
N PRO B 184 -20.88 -0.98 -7.82
CA PRO B 184 -20.60 0.29 -8.49
C PRO B 184 -21.46 1.43 -7.94
N SER B 185 -20.93 2.64 -8.06
CA SER B 185 -21.60 3.86 -7.60
C SER B 185 -21.84 4.76 -8.80
N TYR B 186 -22.85 5.61 -8.74
CA TYR B 186 -23.19 6.52 -9.84
C TYR B 186 -23.66 7.86 -9.33
N THR B 187 -23.45 8.90 -10.14
CA THR B 187 -24.01 10.20 -9.79
C THR B 187 -24.42 10.90 -11.09
N ARG B 188 -24.83 12.15 -10.99
CA ARG B 188 -25.38 12.89 -12.14
C ARG B 188 -24.31 13.15 -13.21
N PRO B 189 -24.71 13.18 -14.49
CA PRO B 189 -26.07 13.05 -15.04
C PRO B 189 -26.53 11.60 -15.22
N PRO B 190 -27.84 11.38 -15.31
CA PRO B 190 -28.41 10.03 -15.42
C PRO B 190 -28.06 9.34 -16.73
N SER B 191 -27.78 10.15 -17.76
CA SER B 191 -27.24 9.62 -19.00
C SER B 191 -25.97 10.39 -19.36
N TRP B 192 -24.92 9.65 -19.71
CA TRP B 192 -23.62 10.25 -20.02
C TRP B 192 -22.92 9.45 -21.11
N ARG B 193 -22.58 10.11 -22.22
CA ARG B 193 -21.97 9.47 -23.38
C ARG B 193 -22.79 8.28 -23.87
N GLY B 194 -24.11 8.33 -23.68
CA GLY B 194 -24.98 7.21 -24.05
C GLY B 194 -24.95 6.05 -23.05
N MET B 195 -24.35 6.28 -21.88
CA MET B 195 -24.33 5.29 -20.81
C MET B 195 -25.27 5.70 -19.68
N ASP B 196 -26.25 4.84 -19.38
CA ASP B 196 -27.27 5.17 -18.39
C ASP B 196 -26.95 4.65 -17.01
N VAL B 197 -27.26 5.44 -15.99
CA VAL B 197 -27.31 4.94 -14.63
C VAL B 197 -28.37 3.82 -14.61
N PRO B 198 -28.08 2.69 -13.94
CA PRO B 198 -29.07 1.61 -13.85
C PRO B 198 -30.39 2.17 -13.36
N PRO B 199 -31.47 1.94 -14.11
CA PRO B 199 -32.78 2.55 -13.83
C PRO B 199 -33.27 2.32 -12.40
N VAL B 200 -32.93 1.18 -11.81
CA VAL B 200 -33.38 0.90 -10.45
C VAL B 200 -32.92 1.98 -9.48
N LEU B 201 -31.77 2.60 -9.74
CA LEU B 201 -31.24 3.61 -8.82
C LEU B 201 -31.98 4.93 -8.96
N LEU B 202 -32.78 5.04 -10.01
CA LEU B 202 -33.58 6.23 -10.28
C LEU B 202 -35.01 6.02 -9.83
N SER B 203 -35.36 4.77 -9.53
CA SER B 203 -36.74 4.38 -9.23
C SER B 203 -37.22 4.83 -7.84
N GLY B 204 -36.28 5.13 -6.95
CA GLY B 204 -36.65 5.54 -5.60
C GLY B 204 -37.13 4.41 -4.68
N ASP B 205 -37.20 3.19 -5.21
CA ASP B 205 -37.63 2.03 -4.42
C ASP B 205 -36.49 1.52 -3.55
N HIS B 206 -36.46 1.93 -2.29
CA HIS B 206 -35.37 1.59 -1.38
C HIS B 206 -35.13 0.08 -1.28
N ALA B 207 -36.20 -0.70 -1.33
CA ALA B 207 -36.07 -2.15 -1.23
C ALA B 207 -35.43 -2.74 -2.49
N LYS B 208 -35.93 -2.33 -3.66
CA LYS B 208 -35.38 -2.80 -4.92
C LYS B 208 -33.93 -2.33 -5.11
N ILE B 209 -33.61 -1.15 -4.58
CA ILE B 209 -32.26 -0.61 -4.66
C ILE B 209 -31.31 -1.38 -3.75
N ALA B 210 -31.71 -1.57 -2.49
CA ALA B 210 -30.92 -2.35 -1.54
C ALA B 210 -30.67 -3.76 -2.07
N ALA B 211 -31.67 -4.32 -2.73
CA ALA B 211 -31.55 -5.65 -3.32
C ALA B 211 -30.56 -5.68 -4.47
N TRP B 212 -30.68 -4.71 -5.38
CA TRP B 212 -29.81 -4.63 -6.54
C TRP B 212 -28.35 -4.41 -6.12
N ARG B 213 -28.14 -3.54 -5.14
CA ARG B 213 -26.81 -3.26 -4.63
C ARG B 213 -26.18 -4.48 -3.94
N ALA B 214 -26.98 -5.19 -3.16
CA ALA B 214 -26.49 -6.41 -2.54
C ALA B 214 -26.08 -7.41 -3.63
N GLU B 215 -26.88 -7.52 -4.66
CA GLU B 215 -26.59 -8.45 -5.77
C GLU B 215 -25.32 -8.02 -6.49
N GLN B 216 -25.21 -6.73 -6.77
CA GLN B 216 -24.01 -6.24 -7.45
C GLN B 216 -22.76 -6.54 -6.64
N SER B 217 -22.86 -6.40 -5.32
CA SER B 217 -21.73 -6.67 -4.42
CA SER B 217 -21.73 -6.67 -4.43
C SER B 217 -21.32 -8.13 -4.48
N ARG B 218 -22.32 -9.02 -4.41
CA ARG B 218 -22.03 -10.44 -4.43
C ARG B 218 -21.49 -10.87 -5.80
N GLN B 219 -22.03 -10.32 -6.88
CA GLN B 219 -21.52 -10.60 -8.22
C GLN B 219 -20.07 -10.13 -8.43
N ARG B 220 -19.76 -8.94 -7.94
CA ARG B 220 -18.41 -8.43 -8.06
C ARG B 220 -17.44 -9.26 -7.21
N THR B 221 -17.91 -9.74 -6.08
CA THR B 221 -17.07 -10.51 -5.17
C THR B 221 -16.72 -11.85 -5.81
N ILE B 222 -17.71 -12.51 -6.40
CA ILE B 222 -17.47 -13.74 -7.13
C ILE B 222 -16.44 -13.58 -8.25
N GLU B 223 -16.58 -12.52 -9.02
CA GLU B 223 -15.70 -12.26 -10.16
C GLU B 223 -14.27 -11.90 -9.75
N ARG B 224 -14.14 -11.00 -8.80
CA ARG B 224 -12.82 -10.42 -8.50
C ARG B 224 -12.14 -11.04 -7.30
N ARG B 225 -12.92 -11.49 -6.32
CA ARG B 225 -12.35 -12.02 -5.08
C ARG B 225 -13.11 -13.24 -4.56
N PRO B 226 -13.12 -14.33 -5.35
CA PRO B 226 -13.93 -15.49 -4.97
C PRO B 226 -13.50 -16.08 -3.63
N ASP B 227 -12.26 -15.86 -3.22
CA ASP B 227 -11.78 -16.33 -1.92
C ASP B 227 -12.62 -15.78 -0.76
N LEU B 228 -13.14 -14.55 -0.90
CA LEU B 228 -13.92 -13.94 0.17
C LEU B 228 -15.21 -14.71 0.46
N LEU B 229 -15.69 -15.44 -0.54
CA LEU B 229 -16.89 -16.25 -0.40
C LEU B 229 -16.55 -17.73 -0.28
N GLY B 230 -15.27 -18.01 -0.07
CA GLY B 230 -14.83 -19.38 0.16
C GLY B 230 -14.64 -20.23 -1.07
N PHE B 231 -14.32 -19.60 -2.20
CA PHE B 231 -14.04 -20.34 -3.43
C PHE B 231 -12.56 -20.25 -3.82
N ASP B 232 -12.14 -21.14 -4.71
CA ASP B 232 -10.75 -21.15 -5.19
C ASP B 232 -10.40 -19.88 -5.95
N SER B 233 -9.17 -19.42 -5.77
CA SER B 233 -8.64 -18.30 -6.54
C SER B 233 -8.29 -18.74 -7.97
N PRO B 234 -8.43 -17.82 -8.94
CA PRO B 234 -8.26 -18.17 -10.36
C PRO B 234 -6.83 -18.58 -10.73
#